data_7H5K
#
_entry.id   7H5K
#
_cell.length_a   45.960
_cell.length_b   74.110
_cell.length_c   53.690
_cell.angle_alpha   90.000
_cell.angle_beta   109.760
_cell.angle_gamma   90.000
#
_symmetry.space_group_name_H-M   'P 1 21 1'
#
loop_
_entity.id
_entity.type
_entity.pdbx_description
1 polymer Endothiapepsin
2 non-polymer 'ACETATE ION'
3 non-polymer 'DIMETHYL SULFOXIDE'
4 non-polymer N-AMINOETHYLMORPHOLINE
5 water water
#
_entity_poly.entity_id   1
_entity_poly.type   'polypeptide(L)'
_entity_poly.pdbx_seq_one_letter_code
;STGSATTTPIDSLDDAYITPVQIGTPAQTLNLDFDTGSSDLWVFSSETTASEVDGQTIYTPSKSTTAKLLSGATWSISYG
DGSSSSGDVYTDTVSVGGLTVTGQAVESAKKVSSSFTEDSTIDGLLGLAFSTLNTVSPTQQKTFFDNAKASLDSPVFTAD
LGYHAPGTYNFGFIDTTAYTGSITYTAVSTKQGFWEWTSTGYAVGSGTFKSTSIDGIADTGTTLLYLPATVVSAYWAQVS
GAKSSSSVGGYVFPCSATLPSFTFGVGSARIVIPGDYIDFGPISTGSSSCFGGIQSSAGIGINIFGDVALKAAFVVFNGA
TTPTLGFASK
;
_entity_poly.pdbx_strand_id   A
#
loop_
_chem_comp.id
_chem_comp.type
_chem_comp.name
_chem_comp.formula
ACT non-polymer 'ACETATE ION' 'C2 H3 O2 -1'
DMS non-polymer 'DIMETHYL SULFOXIDE' 'C2 H6 O S'
EMR non-polymer N-AMINOETHYLMORPHOLINE 'C6 H14 N2 O'
#
# COMPACT_ATOMS: atom_id res chain seq x y z
N SER A 1 -10.36 19.93 -9.43
CA SER A 1 -10.00 19.99 -8.01
C SER A 1 -8.80 19.09 -7.68
N THR A 2 -8.13 19.36 -6.56
CA THR A 2 -6.99 18.57 -6.11
C THR A 2 -7.10 18.22 -4.59
N GLY A 3 -6.29 17.25 -4.17
CA GLY A 3 -6.17 16.83 -2.79
C GLY A 3 -4.72 16.55 -2.44
N SER A 4 -4.32 16.85 -1.20
CA SER A 4 -2.96 16.62 -0.74
C SER A 4 -2.95 16.28 0.76
N ALA A 5 -2.45 15.09 1.11
CA ALA A 5 -2.40 14.68 2.51
C ALA A 5 -1.06 14.04 2.89
N THR A 6 -0.60 14.31 4.11
CA THR A 6 0.64 13.72 4.61
C THR A 6 0.37 12.32 5.11
N THR A 7 1.28 11.40 4.78
CA THR A 7 1.25 10.02 5.21
C THR A 7 2.48 9.82 6.11
N THR A 8 2.30 9.14 7.25
CA THR A 8 3.41 8.97 8.18
C THR A 8 3.56 7.51 8.58
N PRO A 9 4.81 7.03 8.70
CA PRO A 9 5.00 5.63 9.13
C PRO A 9 4.47 5.40 10.55
N ILE A 10 3.89 4.24 10.77
CA ILE A 10 3.30 3.88 12.05
C ILE A 10 4.34 3.49 13.11
N ASP A 11 5.55 3.11 12.68
CA ASP A 11 6.61 2.67 13.57
C ASP A 11 7.98 2.99 12.99
N SER A 12 9.05 2.63 13.71
CA SER A 12 10.43 2.89 13.30
C SER A 12 10.92 2.00 12.14
N LEU A 13 10.14 0.99 11.75
CA LEU A 13 10.48 0.12 10.66
C LEU A 13 9.74 0.46 9.35
N ASP A 14 8.80 1.43 9.36
CA ASP A 14 7.99 1.74 8.16
C ASP A 14 7.16 0.51 7.79
N ASP A 15 6.59 -0.17 8.79
CA ASP A 15 5.76 -1.34 8.55
C ASP A 15 4.52 -0.99 7.75
N ALA A 16 3.96 0.21 7.98
CA ALA A 16 2.79 0.73 7.28
C ALA A 16 2.79 2.27 7.38
N TYR A 17 1.99 2.93 6.55
CA TYR A 17 1.89 4.37 6.54
C TYR A 17 0.42 4.74 6.76
N ILE A 18 0.12 5.69 7.67
CA ILE A 18 -1.25 6.14 7.93
C ILE A 18 -1.47 7.58 7.40
N THR A 19 -2.65 7.83 6.86
CA THR A 19 -3.01 9.11 6.29
C THR A 19 -4.34 9.53 6.91
N PRO A 20 -4.44 10.75 7.44
CA PRO A 20 -5.71 11.20 8.01
C PRO A 20 -6.83 11.39 6.97
N VAL A 21 -8.03 10.89 7.28
CA VAL A 21 -9.17 10.99 6.38
C VAL A 21 -10.38 11.50 7.17
N GLN A 22 -11.09 12.48 6.63
CA GLN A 22 -12.28 13.03 7.27
C GLN A 22 -13.52 12.31 6.74
N ILE A 23 -14.29 11.67 7.65
CA ILE A 23 -15.50 10.99 7.27
C ILE A 23 -16.71 11.56 8.03
N GLY A 24 -17.78 11.88 7.30
CA GLY A 24 -19.02 12.33 7.91
C GLY A 24 -19.16 13.81 8.14
N THR A 25 -20.33 14.19 8.69
CA THR A 25 -20.68 15.58 9.00
C THR A 25 -21.32 15.67 10.39
N PRO A 26 -20.71 16.40 11.36
CA PRO A 26 -19.38 17.06 11.27
C PRO A 26 -18.26 16.00 11.10
N ALA A 27 -17.10 16.41 10.57
CA ALA A 27 -15.99 15.47 10.32
C ALA A 27 -15.52 14.62 11.51
N GLN A 28 -15.27 13.34 11.24
CA GLN A 28 -14.69 12.41 12.18
C GLN A 28 -13.39 12.00 11.49
N THR A 29 -12.24 12.29 12.09
CA THR A 29 -10.95 12.00 11.47
C THR A 29 -10.41 10.64 11.88
N LEU A 30 -10.17 9.77 10.89
CA LEU A 30 -9.60 8.44 11.10
C LEU A 30 -8.27 8.35 10.33
N ASN A 31 -7.31 7.60 10.86
CA ASN A 31 -6.03 7.40 10.17
C ASN A 31 -6.12 6.08 9.42
N LEU A 32 -6.19 6.17 8.10
CA LEU A 32 -6.32 5.00 7.26
C LEU A 32 -5.03 4.64 6.54
N ASP A 33 -4.85 3.33 6.26
CA ASP A 33 -3.74 2.75 5.50
C ASP A 33 -4.16 2.79 4.01
N PHE A 34 -3.51 3.66 3.18
CA PHE A 34 -3.84 3.74 1.74
C PHE A 34 -3.28 2.52 1.03
N ASP A 35 -4.18 1.70 0.50
CA ASP A 35 -3.80 0.43 -0.07
C ASP A 35 -4.07 0.30 -1.58
N THR A 36 -3.00 0.35 -2.41
CA THR A 36 -3.22 0.20 -3.87
C THR A 36 -3.40 -1.29 -4.30
N GLY A 37 -3.33 -2.23 -3.34
CA GLY A 37 -3.55 -3.64 -3.59
C GLY A 37 -4.94 -4.13 -3.21
N SER A 38 -5.84 -3.22 -2.78
CA SER A 38 -7.22 -3.60 -2.45
C SER A 38 -8.16 -2.46 -2.84
N SER A 39 -9.46 -2.68 -2.80
CA SER A 39 -10.44 -1.71 -3.31
C SER A 39 -11.61 -1.45 -2.37
N ASP A 40 -11.41 -1.68 -1.06
CA ASP A 40 -12.48 -1.47 -0.10
C ASP A 40 -12.12 -0.35 0.88
N LEU A 41 -13.05 0.59 1.12
CA LEU A 41 -12.82 1.62 2.10
C LEU A 41 -13.52 1.08 3.30
N TRP A 42 -12.77 0.53 4.25
CA TRP A 42 -13.39 -0.03 5.43
C TRP A 42 -12.78 0.57 6.69
N VAL A 43 -13.64 0.83 7.69
CA VAL A 43 -13.21 1.47 8.92
C VAL A 43 -13.71 0.72 10.15
N PHE A 44 -12.95 0.83 11.27
CA PHE A 44 -13.35 0.38 12.60
C PHE A 44 -14.52 1.31 12.98
N SER A 45 -15.57 0.78 13.62
CA SER A 45 -16.76 1.59 13.89
C SER A 45 -17.47 1.29 15.22
N SER A 46 -18.54 2.06 15.50
CA SER A 46 -19.38 1.84 16.67
C SER A 46 -20.06 0.43 16.66
N GLU A 47 -20.13 -0.22 15.46
CA GLU A 47 -20.69 -1.56 15.25
C GLU A 47 -19.69 -2.70 15.43
N THR A 48 -18.38 -2.42 15.46
CA THR A 48 -17.38 -3.47 15.59
C THR A 48 -17.50 -4.14 16.95
N THR A 49 -17.34 -5.49 17.00
CA THR A 49 -17.37 -6.26 18.24
C THR A 49 -16.43 -5.61 19.28
N ALA A 50 -16.96 -5.18 20.43
CA ALA A 50 -16.21 -4.45 21.45
C ALA A 50 -14.83 -5.03 21.78
N SER A 51 -14.76 -6.37 21.94
CA SER A 51 -13.54 -7.12 22.25
C SER A 51 -12.50 -7.09 21.10
N GLU A 52 -12.94 -6.76 19.88
CA GLU A 52 -12.07 -6.68 18.71
C GLU A 52 -11.51 -5.26 18.44
N VAL A 53 -11.72 -4.32 19.37
CA VAL A 53 -11.20 -2.97 19.24
C VAL A 53 -10.19 -2.74 20.37
N ASP A 54 -8.95 -2.38 20.03
CA ASP A 54 -7.90 -2.09 21.00
C ASP A 54 -7.17 -0.76 20.71
N GLY A 55 -7.81 0.36 21.01
CA GLY A 55 -7.17 1.67 20.83
C GLY A 55 -7.43 2.41 19.54
N GLN A 56 -8.18 1.80 18.59
CA GLN A 56 -8.49 2.48 17.33
C GLN A 56 -9.57 3.55 17.49
N THR A 57 -9.58 4.58 16.62
CA THR A 57 -10.62 5.60 16.57
C THR A 57 -11.74 4.99 15.72
N ILE A 58 -12.97 5.02 16.24
CA ILE A 58 -14.09 4.40 15.53
C ILE A 58 -14.94 5.41 14.79
N TYR A 59 -15.54 5.00 13.67
CA TYR A 59 -16.46 5.84 12.92
C TYR A 59 -17.84 5.57 13.54
N THR A 60 -18.59 6.62 13.83
CA THR A 60 -19.91 6.46 14.45
C THR A 60 -20.93 7.06 13.50
N PRO A 61 -21.58 6.22 12.67
CA PRO A 61 -22.52 6.76 11.66
C PRO A 61 -23.72 7.48 12.25
N SER A 62 -24.14 7.10 13.47
CA SER A 62 -25.26 7.75 14.14
C SER A 62 -25.00 9.23 14.42
N LYS A 63 -23.75 9.61 14.63
CA LYS A 63 -23.38 11.01 14.85
C LYS A 63 -23.12 11.78 13.54
N SER A 64 -23.43 11.18 12.38
CA SER A 64 -23.20 11.82 11.10
C SER A 64 -24.52 12.10 10.39
N THR A 65 -24.79 13.39 10.12
CA THR A 65 -26.01 13.87 9.48
C THR A 65 -26.10 13.52 7.99
N THR A 66 -24.99 13.12 7.36
CA THR A 66 -24.95 12.74 5.95
C THR A 66 -24.80 11.20 5.75
N ALA A 67 -24.70 10.42 6.84
CA ALA A 67 -24.56 8.97 6.76
C ALA A 67 -25.91 8.30 6.43
N LYS A 68 -25.90 7.38 5.44
CA LYS A 68 -27.10 6.65 5.05
C LYS A 68 -26.75 5.16 4.97
N LEU A 69 -27.51 4.29 5.63
CA LEU A 69 -27.26 2.85 5.56
C LEU A 69 -27.66 2.36 4.17
N LEU A 70 -26.76 1.65 3.49
CA LEU A 70 -27.06 1.09 2.18
C LEU A 70 -27.76 -0.22 2.54
N SER A 71 -29.10 -0.24 2.46
CA SER A 71 -29.87 -1.38 2.93
C SER A 71 -29.59 -2.69 2.18
N GLY A 72 -29.32 -3.73 2.96
CA GLY A 72 -29.04 -5.06 2.46
C GLY A 72 -27.61 -5.33 2.03
N ALA A 73 -26.81 -4.26 1.87
CA ALA A 73 -25.42 -4.35 1.43
C ALA A 73 -24.54 -4.87 2.53
N THR A 74 -23.67 -5.83 2.18
CA THR A 74 -22.71 -6.45 3.09
C THR A 74 -21.35 -6.54 2.38
N TRP A 75 -20.28 -6.72 3.14
CA TRP A 75 -18.95 -6.87 2.59
C TRP A 75 -18.16 -7.84 3.45
N SER A 76 -17.18 -8.48 2.85
CA SER A 76 -16.27 -9.39 3.53
C SER A 76 -15.02 -9.49 2.67
N ILE A 77 -13.86 -9.31 3.28
CA ILE A 77 -12.60 -9.34 2.56
C ILE A 77 -11.56 -10.20 3.26
N SER A 78 -10.69 -10.85 2.50
CA SER A 78 -9.60 -11.63 3.07
C SER A 78 -8.33 -11.27 2.33
N TYR A 79 -7.35 -10.81 3.07
CA TYR A 79 -6.09 -10.39 2.52
C TYR A 79 -5.09 -11.55 2.42
N GLY A 80 -4.08 -11.37 1.58
CA GLY A 80 -3.03 -12.35 1.32
C GLY A 80 -2.30 -12.83 2.55
N ASP A 81 -2.29 -12.01 3.61
CA ASP A 81 -1.64 -12.40 4.86
C ASP A 81 -2.53 -13.19 5.82
N GLY A 82 -3.69 -13.65 5.37
CA GLY A 82 -4.60 -14.41 6.23
C GLY A 82 -5.45 -13.57 7.16
N SER A 83 -5.42 -12.23 6.99
CA SER A 83 -6.25 -11.35 7.81
C SER A 83 -7.59 -11.10 7.09
N SER A 84 -8.63 -10.76 7.86
CA SER A 84 -9.95 -10.55 7.29
C SER A 84 -10.79 -9.59 8.10
N SER A 85 -11.87 -9.11 7.48
CA SER A 85 -12.87 -8.25 8.09
C SER A 85 -14.18 -8.34 7.29
N SER A 86 -15.30 -7.94 7.92
CA SER A 86 -16.62 -7.98 7.31
C SER A 86 -17.57 -7.02 8.05
N GLY A 87 -18.70 -6.70 7.44
CA GLY A 87 -19.70 -5.87 8.10
C GLY A 87 -20.75 -5.33 7.15
N ASP A 88 -21.40 -4.22 7.56
CA ASP A 88 -22.42 -3.59 6.75
C ASP A 88 -21.86 -2.32 6.04
N VAL A 89 -22.69 -1.63 5.22
CA VAL A 89 -22.21 -0.53 4.40
C VAL A 89 -23.02 0.73 4.55
N TYR A 90 -22.33 1.87 4.66
CA TYR A 90 -22.95 3.19 4.70
C TYR A 90 -22.44 4.03 3.54
N THR A 91 -23.17 5.06 3.17
CA THR A 91 -22.66 6.07 2.23
C THR A 91 -22.46 7.34 3.09
N ASP A 92 -21.44 8.13 2.79
CA ASP A 92 -21.16 9.34 3.54
C ASP A 92 -20.16 10.20 2.78
N THR A 93 -19.94 11.42 3.25
CA THR A 93 -18.98 12.32 2.66
C THR A 93 -17.60 11.95 3.22
N VAL A 94 -16.62 11.82 2.32
CA VAL A 94 -15.26 11.47 2.67
C VAL A 94 -14.32 12.52 2.04
N SER A 95 -13.41 13.11 2.84
CA SER A 95 -12.46 14.07 2.29
C SER A 95 -11.02 13.66 2.60
N VAL A 96 -10.14 13.76 1.59
CA VAL A 96 -8.73 13.50 1.75
C VAL A 96 -7.95 14.77 1.37
N GLY A 97 -7.37 15.41 2.37
CA GLY A 97 -6.56 16.60 2.20
C GLY A 97 -7.19 17.70 1.37
N GLY A 98 -8.47 17.97 1.62
CA GLY A 98 -9.21 19.01 0.91
C GLY A 98 -9.96 18.53 -0.32
N LEU A 99 -9.90 17.23 -0.65
CA LEU A 99 -10.61 16.70 -1.82
C LEU A 99 -11.83 15.94 -1.32
N THR A 100 -13.02 16.40 -1.65
CA THR A 100 -14.24 15.83 -1.10
C THR A 100 -15.07 15.01 -2.05
N VAL A 101 -15.52 13.84 -1.59
CA VAL A 101 -16.39 12.97 -2.36
C VAL A 101 -17.65 12.72 -1.54
N THR A 102 -18.82 13.07 -2.09
CA THR A 102 -20.08 12.80 -1.42
C THR A 102 -20.60 11.43 -1.91
N GLY A 103 -21.34 10.73 -1.06
CA GLY A 103 -21.91 9.44 -1.37
C GLY A 103 -20.89 8.34 -1.62
N GLN A 104 -19.82 8.35 -0.83
CA GLN A 104 -18.78 7.33 -0.93
C GLN A 104 -19.21 6.17 -0.06
N ALA A 105 -19.08 4.95 -0.57
CA ALA A 105 -19.36 3.76 0.24
C ALA A 105 -18.28 3.63 1.33
N VAL A 106 -18.70 3.68 2.59
CA VAL A 106 -17.85 3.52 3.76
C VAL A 106 -18.27 2.22 4.43
N GLU A 107 -17.43 1.21 4.33
CA GLU A 107 -17.74 -0.12 4.85
C GLU A 107 -17.46 -0.21 6.35
N SER A 108 -18.53 -0.35 7.12
CA SER A 108 -18.46 -0.42 8.58
C SER A 108 -18.18 -1.86 9.07
N ALA A 109 -17.03 -2.06 9.71
CA ALA A 109 -16.64 -3.37 10.19
C ALA A 109 -17.41 -3.82 11.42
N LYS A 110 -18.08 -4.97 11.31
CA LYS A 110 -18.75 -5.62 12.42
C LYS A 110 -17.78 -6.65 13.05
N LYS A 111 -16.93 -7.28 12.22
CA LYS A 111 -15.97 -8.27 12.67
C LYS A 111 -14.60 -7.99 12.07
N VAL A 112 -13.54 -8.01 12.89
CA VAL A 112 -12.17 -7.86 12.38
C VAL A 112 -11.30 -9.00 12.92
N SER A 113 -10.34 -9.51 12.12
CA SER A 113 -9.42 -10.53 12.62
C SER A 113 -8.41 -9.88 13.58
N SER A 114 -7.72 -10.69 14.41
CA SER A 114 -6.77 -10.21 15.41
C SER A 114 -5.64 -9.35 14.85
N SER A 115 -5.21 -9.59 13.60
CA SER A 115 -4.15 -8.79 12.97
C SER A 115 -4.50 -7.28 12.96
N PHE A 116 -5.78 -6.95 12.72
CA PHE A 116 -6.21 -5.57 12.71
C PHE A 116 -6.36 -5.00 14.14
N THR A 117 -6.90 -5.81 15.06
CA THR A 117 -7.08 -5.44 16.47
C THR A 117 -5.76 -4.99 17.11
N GLU A 118 -4.67 -5.76 16.90
CA GLU A 118 -3.37 -5.47 17.48
C GLU A 118 -2.68 -4.22 16.90
N ASP A 119 -3.11 -3.75 15.72
CA ASP A 119 -2.55 -2.53 15.14
C ASP A 119 -3.44 -1.37 15.60
N SER A 120 -3.19 -0.85 16.81
CA SER A 120 -3.98 0.24 17.39
C SER A 120 -3.89 1.56 16.63
N THR A 121 -2.81 1.74 15.86
CA THR A 121 -2.50 2.93 15.06
C THR A 121 -3.26 2.98 13.71
N ILE A 122 -3.86 1.85 13.26
CA ILE A 122 -4.56 1.82 11.97
C ILE A 122 -6.08 1.71 12.17
N ASP A 123 -6.81 2.74 11.77
CA ASP A 123 -8.26 2.79 11.94
C ASP A 123 -9.08 2.20 10.78
N GLY A 124 -8.40 1.74 9.75
CA GLY A 124 -9.06 1.15 8.60
C GLY A 124 -8.21 1.27 7.35
N LEU A 125 -8.75 0.79 6.22
CA LEU A 125 -8.02 0.83 4.95
C LEU A 125 -8.74 1.67 3.90
N LEU A 126 -8.00 2.33 3.02
CA LEU A 126 -8.58 3.06 1.89
C LEU A 126 -8.05 2.40 0.64
N GLY A 127 -8.87 1.56 0.02
CA GLY A 127 -8.49 0.83 -1.18
C GLY A 127 -8.38 1.72 -2.40
N LEU A 128 -7.24 1.64 -3.12
CA LEU A 128 -6.91 2.37 -4.35
C LEU A 128 -6.57 1.46 -5.56
N ALA A 129 -6.92 0.16 -5.48
CA ALA A 129 -6.79 -0.72 -6.65
C ALA A 129 -8.06 -0.42 -7.58
N PHE A 130 -8.31 -1.23 -8.64
CA PHE A 130 -9.46 -1.03 -9.51
C PHE A 130 -10.76 -1.51 -8.81
N SER A 131 -11.90 -0.83 -9.07
CA SER A 131 -13.18 -1.14 -8.41
C SER A 131 -13.75 -2.53 -8.69
N THR A 132 -13.20 -3.25 -9.68
CA THR A 132 -13.60 -4.64 -9.94
C THR A 132 -13.26 -5.57 -8.76
N LEU A 133 -12.36 -5.13 -7.83
CA LEU A 133 -12.01 -5.95 -6.67
C LEU A 133 -12.84 -5.66 -5.42
N ASN A 134 -13.77 -4.68 -5.48
CA ASN A 134 -14.61 -4.29 -4.34
C ASN A 134 -15.52 -5.45 -3.92
N THR A 135 -15.63 -5.71 -2.62
CA THR A 135 -16.35 -6.86 -2.11
C THR A 135 -17.78 -6.59 -1.67
N VAL A 136 -18.34 -5.40 -1.93
CA VAL A 136 -19.72 -5.14 -1.54
C VAL A 136 -20.72 -5.97 -2.38
N SER A 137 -21.59 -6.69 -1.69
CA SER A 137 -22.64 -7.50 -2.30
C SER A 137 -24.00 -6.97 -1.78
N PRO A 138 -25.06 -7.04 -2.61
CA PRO A 138 -25.08 -7.53 -3.99
C PRO A 138 -24.73 -6.47 -5.06
N THR A 139 -24.45 -5.23 -4.63
CA THR A 139 -24.14 -4.16 -5.56
C THR A 139 -22.71 -3.67 -5.33
N GLN A 140 -21.79 -3.97 -6.25
CA GLN A 140 -20.39 -3.57 -6.12
C GLN A 140 -20.24 -2.06 -6.02
N GLN A 141 -19.31 -1.58 -5.20
CA GLN A 141 -19.12 -0.14 -4.99
C GLN A 141 -17.81 0.35 -5.56
N LYS A 142 -17.74 1.65 -5.90
CA LYS A 142 -16.56 2.28 -6.47
C LYS A 142 -15.56 2.74 -5.41
N THR A 143 -14.27 2.78 -5.76
CA THR A 143 -13.25 3.30 -4.83
C THR A 143 -13.37 4.84 -4.71
N PHE A 144 -12.66 5.42 -3.70
CA PHE A 144 -12.56 6.87 -3.52
C PHE A 144 -11.97 7.51 -4.76
N PHE A 145 -10.94 6.90 -5.36
CA PHE A 145 -10.29 7.47 -6.53
C PHE A 145 -11.23 7.50 -7.75
N ASP A 146 -11.99 6.42 -7.94
CA ASP A 146 -12.96 6.32 -9.03
C ASP A 146 -14.06 7.36 -8.90
N ASN A 147 -14.52 7.60 -7.67
CA ASN A 147 -15.55 8.59 -7.38
C ASN A 147 -15.04 10.02 -7.58
N ALA A 148 -13.76 10.29 -7.25
CA ALA A 148 -13.18 11.62 -7.40
C ALA A 148 -12.74 11.92 -8.84
N LYS A 149 -12.48 10.88 -9.66
CA LYS A 149 -11.97 11.00 -11.05
C LYS A 149 -12.56 12.14 -11.88
N ALA A 150 -13.89 12.27 -11.91
CA ALA A 150 -14.58 13.31 -12.68
C ALA A 150 -14.18 14.73 -12.28
N SER A 151 -14.06 14.98 -10.96
CA SER A 151 -13.72 16.29 -10.39
C SER A 151 -12.25 16.64 -10.45
N LEU A 152 -11.35 15.64 -10.54
CA LEU A 152 -9.91 15.88 -10.51
C LEU A 152 -9.37 16.66 -11.70
N ASP A 153 -8.35 17.50 -11.49
CA ASP A 153 -7.72 18.27 -12.58
C ASP A 153 -7.15 17.29 -13.64
N SER A 154 -6.53 16.20 -13.17
CA SER A 154 -5.99 15.10 -13.98
C SER A 154 -6.38 13.80 -13.26
N PRO A 155 -6.70 12.74 -14.01
CA PRO A 155 -7.11 11.48 -13.34
C PRO A 155 -5.92 10.70 -12.76
N VAL A 156 -5.13 11.32 -11.86
CA VAL A 156 -3.93 10.70 -11.30
C VAL A 156 -3.88 10.86 -9.77
N PHE A 157 -3.15 9.96 -9.14
CA PHE A 157 -2.79 10.11 -7.74
C PHE A 157 -1.33 9.72 -7.64
N THR A 158 -0.58 10.41 -6.78
CA THR A 158 0.82 10.11 -6.62
C THR A 158 1.12 9.67 -5.18
N ALA A 159 2.05 8.72 -5.07
CA ALA A 159 2.53 8.15 -3.81
C ALA A 159 3.99 8.56 -3.69
N ASP A 160 4.33 9.28 -2.62
CA ASP A 160 5.69 9.71 -2.35
C ASP A 160 6.00 9.33 -0.88
N LEU A 161 6.33 8.05 -0.66
CA LEU A 161 6.56 7.51 0.69
C LEU A 161 7.94 7.84 1.22
N GLY A 162 8.00 8.22 2.49
CA GLY A 162 9.28 8.55 3.11
C GLY A 162 10.01 7.36 3.71
N TYR A 163 11.34 7.45 3.79
CA TYR A 163 12.13 6.41 4.47
C TYR A 163 12.34 6.94 5.90
N HIS A 164 11.76 6.28 6.87
CA HIS A 164 11.77 6.68 8.28
C HIS A 164 11.32 8.11 8.48
N ALA A 165 10.43 8.61 7.60
CA ALA A 165 10.00 9.99 7.60
C ALA A 165 8.64 10.15 6.89
N PRO A 166 7.92 11.25 7.17
CA PRO A 166 6.63 11.47 6.51
C PRO A 166 6.77 11.66 5.00
N GLY A 167 5.66 11.39 4.35
CA GLY A 167 5.51 11.46 2.91
C GLY A 167 4.20 12.10 2.52
N THR A 168 3.86 11.99 1.22
CA THR A 168 2.66 12.64 0.68
C THR A 168 1.89 11.77 -0.33
N TYR A 169 0.57 11.87 -0.28
CA TYR A 169 -0.34 11.28 -1.26
C TYR A 169 -1.01 12.49 -1.92
N ASN A 170 -0.81 12.66 -3.24
CA ASN A 170 -1.45 13.79 -3.94
C ASN A 170 -2.50 13.26 -4.89
N PHE A 171 -3.61 13.98 -5.07
CA PHE A 171 -4.68 13.55 -5.95
C PHE A 171 -4.98 14.67 -6.90
N GLY A 172 -5.02 14.34 -8.19
CA GLY A 172 -5.37 15.29 -9.23
C GLY A 172 -4.24 16.12 -9.80
N PHE A 173 -2.99 15.91 -9.34
CA PHE A 173 -1.86 16.68 -9.88
C PHE A 173 -0.49 16.04 -9.66
N ILE A 174 0.50 16.45 -10.47
CA ILE A 174 1.87 15.96 -10.36
C ILE A 174 2.78 17.08 -9.86
N ASP A 175 3.36 16.89 -8.69
CA ASP A 175 4.24 17.88 -8.12
C ASP A 175 5.63 17.73 -8.76
N THR A 176 5.97 18.65 -9.69
CA THR A 176 7.26 18.66 -10.39
C THR A 176 8.44 18.97 -9.46
N THR A 177 8.19 19.46 -8.25
CA THR A 177 9.26 19.72 -7.30
C THR A 177 9.63 18.47 -6.47
N ALA A 178 8.75 17.45 -6.41
CA ALA A 178 8.94 16.26 -5.60
C ALA A 178 9.87 15.19 -6.17
N TYR A 179 10.37 15.35 -7.40
CA TYR A 179 11.24 14.33 -8.00
C TYR A 179 12.37 14.94 -8.85
N THR A 180 13.38 14.14 -9.19
CA THR A 180 14.47 14.58 -10.05
C THR A 180 14.40 13.83 -11.41
N GLY A 181 15.01 14.43 -12.42
CA GLY A 181 15.05 13.83 -13.75
C GLY A 181 13.68 13.78 -14.37
N SER A 182 13.35 12.68 -15.06
CA SER A 182 12.09 12.47 -15.76
C SER A 182 11.27 11.35 -15.14
N ILE A 183 9.96 11.36 -15.42
CA ILE A 183 9.10 10.27 -15.05
C ILE A 183 9.06 9.26 -16.22
N THR A 184 9.41 8.01 -15.98
CA THR A 184 9.31 6.98 -17.00
C THR A 184 7.99 6.31 -16.78
N TYR A 185 7.14 6.28 -17.80
CA TYR A 185 5.84 5.63 -17.67
C TYR A 185 5.89 4.24 -18.27
N THR A 186 5.08 3.33 -17.74
CA THR A 186 5.03 1.95 -18.19
C THR A 186 3.58 1.46 -18.21
N ALA A 187 3.27 0.53 -19.12
CA ALA A 187 1.94 -0.06 -19.28
C ALA A 187 1.43 -0.78 -18.04
N VAL A 188 0.12 -0.68 -17.81
CA VAL A 188 -0.55 -1.35 -16.70
C VAL A 188 -1.58 -2.33 -17.25
N SER A 189 -1.57 -3.57 -16.74
CA SER A 189 -2.60 -4.53 -17.08
C SER A 189 -3.60 -4.47 -15.92
N THR A 190 -4.90 -4.31 -16.22
CA THR A 190 -5.96 -4.28 -15.20
C THR A 190 -6.75 -5.60 -15.09
N LYS A 191 -6.37 -6.63 -15.87
CA LYS A 191 -7.03 -7.93 -15.91
C LYS A 191 -7.27 -8.55 -14.53
N GLN A 192 -6.32 -8.44 -13.57
CA GLN A 192 -6.55 -9.00 -12.22
C GLN A 192 -7.11 -7.94 -11.19
N GLY A 193 -7.28 -6.71 -11.64
CA GLY A 193 -7.80 -5.63 -10.81
C GLY A 193 -6.75 -4.87 -10.02
N PHE A 194 -5.47 -5.11 -10.32
CA PHE A 194 -4.34 -4.47 -9.62
C PHE A 194 -3.57 -3.53 -10.56
N TRP A 195 -2.67 -2.72 -9.98
CA TRP A 195 -1.78 -1.87 -10.76
C TRP A 195 -0.62 -2.81 -11.15
N GLU A 196 -0.84 -3.66 -12.16
CA GLU A 196 0.10 -4.67 -12.60
C GLU A 196 0.96 -4.15 -13.71
N TRP A 197 2.27 -4.28 -13.60
CA TRP A 197 3.20 -3.79 -14.62
C TRP A 197 4.39 -4.74 -14.78
N THR A 198 5.21 -4.53 -15.83
CA THR A 198 6.37 -5.39 -16.03
C THR A 198 7.69 -4.67 -15.88
N SER A 199 8.48 -5.09 -14.88
CA SER A 199 9.80 -4.54 -14.64
C SER A 199 10.77 -5.15 -15.65
N THR A 200 11.72 -4.37 -16.12
CA THR A 200 12.64 -4.82 -17.17
C THR A 200 13.95 -5.46 -16.66
N GLY A 201 14.04 -5.71 -15.37
CA GLY A 201 15.21 -6.37 -14.81
C GLY A 201 15.69 -5.90 -13.46
N TYR A 202 16.90 -6.32 -13.13
CA TYR A 202 17.47 -6.02 -11.84
C TYR A 202 18.98 -6.05 -11.82
N ALA A 203 19.57 -5.42 -10.79
CA ALA A 203 20.99 -5.46 -10.49
C ALA A 203 21.13 -5.56 -8.94
N VAL A 204 22.11 -6.33 -8.48
CA VAL A 204 22.38 -6.44 -7.05
C VAL A 204 23.67 -5.64 -6.81
N GLY A 205 23.61 -4.64 -5.93
CA GLY A 205 24.76 -3.78 -5.65
C GLY A 205 25.31 -3.10 -6.88
N SER A 206 26.62 -3.21 -7.09
CA SER A 206 27.28 -2.63 -8.26
C SER A 206 27.46 -3.63 -9.44
N GLY A 207 26.78 -4.77 -9.38
CA GLY A 207 26.82 -5.79 -10.41
C GLY A 207 26.14 -5.39 -11.71
N THR A 208 26.34 -6.17 -12.76
CA THR A 208 25.75 -5.88 -14.07
C THR A 208 24.23 -6.07 -14.05
N PHE A 209 23.52 -5.28 -14.84
CA PHE A 209 22.06 -5.38 -14.90
C PHE A 209 21.64 -6.60 -15.70
N LYS A 210 20.70 -7.36 -15.16
CA LYS A 210 20.15 -8.55 -15.77
C LYS A 210 18.80 -8.20 -16.39
N SER A 211 18.70 -8.20 -17.73
CA SER A 211 17.45 -7.89 -18.40
C SER A 211 16.55 -9.12 -18.39
N THR A 212 15.45 -9.04 -17.65
CA THR A 212 14.48 -10.12 -17.53
C THR A 212 13.13 -9.51 -17.13
N SER A 213 12.04 -10.07 -17.66
CA SER A 213 10.71 -9.57 -17.36
C SER A 213 10.21 -10.05 -16.02
N ILE A 214 9.94 -9.12 -15.12
CA ILE A 214 9.40 -9.44 -13.80
C ILE A 214 8.02 -8.78 -13.73
N ASP A 215 6.97 -9.58 -13.80
CA ASP A 215 5.62 -9.09 -13.70
C ASP A 215 5.22 -8.99 -12.22
N GLY A 216 4.73 -7.81 -11.81
CA GLY A 216 4.34 -7.59 -10.44
C GLY A 216 3.36 -6.46 -10.25
N ILE A 217 2.95 -6.23 -8.99
CA ILE A 217 1.98 -5.16 -8.69
C ILE A 217 2.59 -4.05 -7.84
N ALA A 218 2.11 -2.83 -8.05
CA ALA A 218 2.54 -1.69 -7.24
C ALA A 218 1.57 -1.68 -6.07
N ASP A 219 2.02 -2.13 -4.89
CA ASP A 219 1.15 -2.26 -3.72
C ASP A 219 1.63 -1.52 -2.48
N THR A 220 1.01 -0.37 -2.22
CA THR A 220 1.32 0.43 -1.04
C THR A 220 0.92 -0.25 0.27
N GLY A 221 -0.01 -1.21 0.21
CA GLY A 221 -0.45 -1.96 1.37
C GLY A 221 0.43 -3.12 1.77
N THR A 222 1.53 -3.39 1.06
CA THR A 222 2.47 -4.48 1.41
C THR A 222 3.78 -3.82 1.80
N THR A 223 4.36 -4.25 2.91
CA THR A 223 5.57 -3.63 3.45
C THR A 223 6.81 -3.98 2.64
N LEU A 224 6.96 -5.26 2.28
CA LEU A 224 8.16 -5.76 1.67
C LEU A 224 8.12 -5.88 0.16
N LEU A 225 9.27 -6.23 -0.42
CA LEU A 225 9.46 -6.48 -1.82
C LEU A 225 9.49 -8.02 -1.98
N TYR A 226 8.52 -8.56 -2.73
CA TYR A 226 8.41 -10.00 -2.95
C TYR A 226 8.72 -10.30 -4.42
N LEU A 227 9.83 -11.00 -4.67
CA LEU A 227 10.35 -11.24 -6.03
C LEU A 227 10.59 -12.74 -6.29
N PRO A 228 10.78 -13.19 -7.55
CA PRO A 228 10.97 -14.63 -7.78
C PRO A 228 12.21 -15.16 -7.05
N ALA A 229 12.15 -16.43 -6.67
CA ALA A 229 13.17 -17.12 -5.90
C ALA A 229 14.57 -16.96 -6.47
N THR A 230 14.68 -16.99 -7.81
CA THR A 230 15.93 -16.82 -8.52
C THR A 230 16.56 -15.46 -8.21
N VAL A 231 15.76 -14.38 -8.25
CA VAL A 231 16.25 -13.03 -7.98
C VAL A 231 16.64 -12.86 -6.53
N VAL A 232 15.78 -13.34 -5.63
CA VAL A 232 15.98 -13.19 -4.19
C VAL A 232 17.21 -13.95 -3.72
N SER A 233 17.47 -15.15 -4.30
CA SER A 233 18.66 -15.95 -3.99
C SER A 233 19.92 -15.20 -4.47
N ALA A 234 19.87 -14.58 -5.66
CA ALA A 234 21.02 -13.84 -6.19
C ALA A 234 21.37 -12.61 -5.31
N TYR A 235 20.34 -11.99 -4.69
CA TYR A 235 20.55 -10.86 -3.81
C TYR A 235 21.18 -11.31 -2.48
N TRP A 236 20.56 -12.29 -1.79
CA TRP A 236 21.04 -12.73 -0.49
C TRP A 236 22.36 -13.49 -0.51
N ALA A 237 22.79 -13.96 -1.70
CA ALA A 237 24.12 -14.57 -1.87
C ALA A 237 25.24 -13.53 -1.72
N GLN A 238 24.93 -12.23 -1.86
CA GLN A 238 25.91 -11.17 -1.68
C GLN A 238 26.05 -10.69 -0.24
N VAL A 239 25.24 -11.23 0.70
CA VAL A 239 25.29 -10.87 2.11
C VAL A 239 25.93 -12.00 2.89
N SER A 240 27.06 -11.74 3.53
CA SER A 240 27.77 -12.78 4.28
C SER A 240 26.96 -13.29 5.46
N GLY A 241 26.71 -14.59 5.51
CA GLY A 241 25.97 -15.21 6.59
C GLY A 241 24.47 -15.21 6.44
N ALA A 242 23.94 -14.64 5.34
CA ALA A 242 22.50 -14.61 5.12
C ALA A 242 22.03 -16.02 4.78
N LYS A 243 20.83 -16.37 5.21
CA LYS A 243 20.24 -17.67 4.91
C LYS A 243 18.71 -17.61 4.98
N SER A 244 18.06 -18.57 4.35
CA SER A 244 16.62 -18.67 4.40
C SER A 244 16.28 -19.53 5.62
N SER A 245 15.44 -19.03 6.50
CA SER A 245 15.04 -19.72 7.71
C SER A 245 13.55 -20.09 7.68
N SER A 246 13.26 -21.40 7.75
CA SER A 246 11.89 -21.93 7.81
C SER A 246 11.22 -21.50 9.13
N SER A 247 11.99 -21.43 10.22
CA SER A 247 11.47 -21.05 11.51
C SER A 247 10.97 -19.59 11.49
N VAL A 248 11.75 -18.68 10.91
CA VAL A 248 11.37 -17.28 10.83
C VAL A 248 10.40 -16.97 9.67
N GLY A 249 10.40 -17.82 8.64
CA GLY A 249 9.53 -17.65 7.50
C GLY A 249 10.11 -16.67 6.51
N GLY A 250 11.40 -16.84 6.21
CA GLY A 250 12.07 -15.98 5.23
C GLY A 250 13.56 -15.86 5.43
N TYR A 251 14.16 -14.99 4.65
CA TYR A 251 15.57 -14.68 4.68
C TYR A 251 15.92 -13.75 5.85
N VAL A 252 16.93 -14.16 6.63
CA VAL A 252 17.52 -13.46 7.76
C VAL A 252 19.02 -13.25 7.49
N PHE A 253 19.59 -12.21 8.07
CA PHE A 253 20.99 -11.88 7.87
C PHE A 253 21.61 -11.38 9.20
N PRO A 254 22.95 -11.54 9.37
CA PRO A 254 23.57 -11.02 10.61
C PRO A 254 23.42 -9.49 10.70
N CYS A 255 22.80 -9.00 11.78
CA CYS A 255 22.58 -7.56 11.96
C CYS A 255 23.84 -6.68 11.75
N SER A 256 25.06 -7.21 11.95
CA SER A 256 26.29 -6.43 11.74
C SER A 256 26.70 -6.26 10.25
N ALA A 257 26.05 -6.99 9.33
CA ALA A 257 26.37 -6.89 7.90
C ALA A 257 25.82 -5.62 7.26
N THR A 258 26.50 -5.14 6.21
CA THR A 258 26.02 -3.99 5.45
C THR A 258 25.42 -4.54 4.15
N LEU A 259 24.19 -4.15 3.86
CA LEU A 259 23.42 -4.67 2.73
C LEU A 259 23.68 -3.93 1.44
N PRO A 260 23.88 -4.68 0.33
CA PRO A 260 23.98 -4.02 -0.96
C PRO A 260 22.64 -3.43 -1.39
N SER A 261 22.69 -2.47 -2.30
CA SER A 261 21.49 -1.88 -2.84
C SER A 261 20.81 -2.87 -3.85
N PHE A 262 19.60 -2.55 -4.25
CA PHE A 262 18.88 -3.36 -5.23
C PHE A 262 18.31 -2.43 -6.30
N THR A 263 18.63 -2.67 -7.56
CA THR A 263 18.12 -1.85 -8.66
C THR A 263 17.03 -2.61 -9.41
N PHE A 264 15.89 -1.98 -9.72
CA PHE A 264 14.87 -2.60 -10.55
C PHE A 264 14.62 -1.72 -11.80
N GLY A 265 14.31 -2.36 -12.94
CA GLY A 265 14.11 -1.63 -14.18
C GLY A 265 12.70 -1.13 -14.44
N VAL A 266 12.57 0.08 -14.99
CA VAL A 266 11.28 0.64 -15.41
C VAL A 266 11.54 1.12 -16.84
N GLY A 267 11.21 0.32 -17.85
CA GLY A 267 11.58 0.63 -19.23
C GLY A 267 13.10 0.68 -19.32
N SER A 268 13.66 1.78 -19.87
CA SER A 268 15.12 1.93 -19.89
C SER A 268 15.68 2.67 -18.63
N ALA A 269 14.79 3.07 -17.69
CA ALA A 269 15.20 3.73 -16.47
C ALA A 269 15.51 2.70 -15.33
N ARG A 270 16.22 3.16 -14.29
CA ARG A 270 16.60 2.34 -13.17
C ARG A 270 16.21 3.03 -11.86
N ILE A 271 15.63 2.26 -10.94
CA ILE A 271 15.31 2.79 -9.62
C ILE A 271 16.23 2.05 -8.64
N VAL A 272 17.01 2.80 -7.85
CA VAL A 272 17.94 2.18 -6.90
C VAL A 272 17.38 2.21 -5.49
N ILE A 273 17.16 1.04 -4.89
CA ILE A 273 16.69 0.94 -3.51
C ILE A 273 17.94 0.84 -2.65
N PRO A 274 18.22 1.82 -1.78
CA PRO A 274 19.40 1.72 -0.91
C PRO A 274 19.34 0.50 0.02
N GLY A 275 20.50 -0.07 0.32
CA GLY A 275 20.61 -1.24 1.21
C GLY A 275 19.97 -1.08 2.59
N ASP A 276 20.02 0.14 3.18
CA ASP A 276 19.40 0.41 4.50
C ASP A 276 17.90 0.19 4.47
N TYR A 277 17.25 0.48 3.32
CA TYR A 277 15.82 0.27 3.13
C TYR A 277 15.45 -1.23 3.26
N ILE A 278 16.39 -2.14 2.99
CA ILE A 278 16.18 -3.59 3.04
C ILE A 278 16.36 -4.16 4.50
N ASP A 279 16.88 -3.35 5.43
CA ASP A 279 17.06 -3.81 6.82
C ASP A 279 15.75 -3.69 7.61
N PHE A 280 15.17 -4.82 8.06
CA PHE A 280 13.94 -4.75 8.87
C PHE A 280 14.18 -5.10 10.35
N GLY A 281 15.41 -4.90 10.82
CA GLY A 281 15.77 -5.07 12.22
C GLY A 281 15.71 -6.47 12.78
N PRO A 282 16.03 -6.60 14.08
CA PRO A 282 16.06 -7.93 14.72
C PRO A 282 14.76 -8.72 14.63
N ILE A 283 14.87 -10.05 14.41
CA ILE A 283 13.70 -10.95 14.33
C ILE A 283 12.91 -10.98 15.65
N SER A 284 13.58 -10.77 16.77
CA SER A 284 13.06 -10.66 18.13
C SER A 284 13.97 -9.70 18.88
N THR A 285 13.45 -9.08 19.95
CA THR A 285 14.20 -8.11 20.76
C THR A 285 15.48 -8.74 21.31
N GLY A 286 16.61 -8.07 21.10
CA GLY A 286 17.90 -8.57 21.57
C GLY A 286 18.60 -9.53 20.63
N SER A 287 17.91 -9.96 19.56
CA SER A 287 18.50 -10.91 18.62
C SER A 287 19.55 -10.26 17.72
N SER A 288 20.54 -11.04 17.32
CA SER A 288 21.55 -10.57 16.38
C SER A 288 21.24 -11.01 14.90
N SER A 289 20.09 -11.67 14.65
CA SER A 289 19.64 -11.98 13.29
C SER A 289 18.59 -10.93 12.95
N CYS A 290 18.73 -10.34 11.77
CA CYS A 290 17.85 -9.27 11.28
C CYS A 290 16.97 -9.78 10.12
N PHE A 291 15.80 -9.18 9.92
CA PHE A 291 14.86 -9.61 8.89
C PHE A 291 15.08 -8.83 7.58
N GLY A 292 15.11 -9.55 6.45
CA GLY A 292 15.33 -8.92 5.17
C GLY A 292 14.08 -8.35 4.53
N GLY A 293 14.23 -7.21 3.87
CA GLY A 293 13.15 -6.54 3.18
C GLY A 293 12.83 -7.12 1.81
N ILE A 294 13.69 -8.04 1.29
CA ILE A 294 13.51 -8.71 0.00
C ILE A 294 13.28 -10.19 0.24
N GLN A 295 12.06 -10.64 -0.03
CA GLN A 295 11.63 -12.00 0.20
C GLN A 295 11.09 -12.67 -1.08
N SER A 296 11.04 -14.00 -1.08
CA SER A 296 10.58 -14.76 -2.22
C SER A 296 9.06 -14.71 -2.36
N SER A 297 8.58 -14.59 -3.58
CA SER A 297 7.14 -14.63 -3.84
C SER A 297 6.66 -16.05 -4.21
N ALA A 298 7.50 -17.10 -4.10
CA ALA A 298 7.13 -18.48 -4.48
C ALA A 298 5.83 -18.99 -3.84
N GLY A 299 5.62 -18.69 -2.56
CA GLY A 299 4.40 -19.09 -1.88
C GLY A 299 3.19 -18.18 -2.06
N ILE A 300 3.38 -16.95 -2.58
CA ILE A 300 2.31 -15.97 -2.76
C ILE A 300 1.58 -16.14 -4.06
N GLY A 301 2.33 -16.41 -5.12
CA GLY A 301 1.74 -16.56 -6.44
C GLY A 301 1.77 -15.32 -7.30
N ILE A 302 2.26 -14.19 -6.74
CA ILE A 302 2.35 -12.92 -7.47
C ILE A 302 3.57 -12.14 -6.95
N ASN A 303 4.26 -11.39 -7.84
CA ASN A 303 5.38 -10.56 -7.40
C ASN A 303 4.83 -9.22 -6.89
N ILE A 304 5.32 -8.77 -5.73
CA ILE A 304 4.83 -7.53 -5.14
C ILE A 304 5.90 -6.48 -4.93
N PHE A 305 5.72 -5.34 -5.57
CA PHE A 305 6.56 -4.16 -5.36
C PHE A 305 5.89 -3.36 -4.24
N GLY A 306 6.21 -3.71 -2.99
CA GLY A 306 5.67 -3.09 -1.80
C GLY A 306 6.39 -1.81 -1.42
N ASP A 307 6.15 -1.33 -0.20
CA ASP A 307 6.71 -0.09 0.34
C ASP A 307 8.23 0.01 0.18
N VAL A 308 8.98 -1.10 0.42
CA VAL A 308 10.44 -1.14 0.22
C VAL A 308 10.89 -0.58 -1.12
N ALA A 309 10.21 -1.00 -2.20
CA ALA A 309 10.49 -0.55 -3.55
C ALA A 309 9.87 0.82 -3.84
N LEU A 310 8.59 1.03 -3.50
CA LEU A 310 7.88 2.26 -3.82
C LEU A 310 8.47 3.49 -3.12
N LYS A 311 8.87 3.36 -1.84
CA LYS A 311 9.44 4.49 -1.10
C LYS A 311 10.76 4.99 -1.70
N ALA A 312 11.43 4.17 -2.54
CA ALA A 312 12.67 4.63 -3.20
C ALA A 312 12.38 5.49 -4.46
N ALA A 313 11.10 5.69 -4.82
CA ALA A 313 10.76 6.42 -6.04
C ALA A 313 9.55 7.39 -5.86
N PHE A 314 9.33 8.30 -6.83
CA PHE A 314 8.13 9.12 -6.88
C PHE A 314 7.25 8.32 -7.84
N VAL A 315 6.04 7.94 -7.40
CA VAL A 315 5.20 7.02 -8.16
C VAL A 315 3.88 7.65 -8.60
N VAL A 316 3.65 7.69 -9.91
CA VAL A 316 2.42 8.23 -10.48
C VAL A 316 1.47 7.10 -10.86
N PHE A 317 0.28 7.08 -10.27
CA PHE A 317 -0.75 6.11 -10.59
C PHE A 317 -1.72 6.84 -11.55
N ASN A 318 -1.49 6.68 -12.87
CA ASN A 318 -2.29 7.36 -13.88
C ASN A 318 -3.56 6.57 -14.20
N GLY A 319 -4.69 7.09 -13.76
CA GLY A 319 -5.98 6.45 -13.96
C GLY A 319 -6.72 6.92 -15.20
N ALA A 320 -5.97 7.27 -16.27
CA ALA A 320 -6.56 7.64 -17.56
C ALA A 320 -7.26 6.39 -18.18
N THR A 321 -7.97 6.54 -19.33
CA THR A 321 -8.67 5.45 -20.04
C THR A 321 -7.76 4.23 -20.21
N THR A 322 -6.50 4.50 -20.56
CA THR A 322 -5.47 3.48 -20.64
C THR A 322 -4.57 3.80 -19.46
N PRO A 323 -4.70 3.05 -18.36
CA PRO A 323 -3.89 3.36 -17.17
C PRO A 323 -2.42 3.03 -17.34
N THR A 324 -1.57 3.85 -16.72
CA THR A 324 -0.11 3.70 -16.73
C THR A 324 0.45 3.97 -15.32
N LEU A 325 1.67 3.55 -15.09
CA LEU A 325 2.37 3.76 -13.85
C LEU A 325 3.61 4.55 -14.22
N GLY A 326 3.92 5.59 -13.49
CA GLY A 326 5.10 6.40 -13.73
C GLY A 326 6.07 6.31 -12.58
N PHE A 327 7.37 6.28 -12.87
CA PHE A 327 8.38 6.21 -11.85
C PHE A 327 9.45 7.20 -12.10
N ALA A 328 9.86 7.93 -11.06
CA ALA A 328 10.97 8.85 -11.16
C ALA A 328 11.86 8.68 -9.93
N SER A 329 13.14 9.05 -10.06
CA SER A 329 14.02 9.04 -8.90
C SER A 329 13.72 10.29 -8.06
N LYS A 330 13.99 10.24 -6.75
CA LYS A 330 13.78 11.40 -5.88
C LYS A 330 14.95 11.64 -4.91
C ACT B . 9.81 12.02 0.99
O ACT B . 10.28 11.26 0.10
OXT ACT B . 8.95 11.78 1.88
CH3 ACT B . 10.38 13.42 1.00
S DMS C . -0.22 19.04 3.10
O DMS C . 0.08 17.73 2.52
C1 DMS C . -0.87 20.09 1.77
C2 DMS C . -1.73 18.88 4.09
S DMS D . 1.87 -11.18 1.42
O DMS D . 1.02 -12.33 1.08
C1 DMS D . 0.91 -9.69 1.02
C2 DMS D . 1.89 -11.04 3.22
S DMS E . -7.83 -8.32 -1.78
O DMS E . -6.52 -8.85 -2.15
C1 DMS E . -8.34 -7.23 -3.13
C2 DMS E . -9.04 -9.64 -2.07
O1 EMR F . 1.41 -2.99 9.13
C2 EMR F . 1.85 -3.19 10.45
C3 EMR F . 1.90 -4.70 10.80
N4 EMR F . 0.70 -5.35 10.46
C5 EMR F . 0.22 -5.14 9.16
C6 EMR F . 0.24 -3.64 8.75
C1' EMR F . 0.77 -6.60 10.68
C2' EMR F . 0.39 -6.92 12.15
N2' EMR F . -0.86 -7.64 12.21
S DMS G . -1.91 -9.71 -2.89
O DMS G . -1.34 -10.41 -1.74
C1 DMS G . -3.56 -10.44 -3.16
C2 DMS G . -2.42 -8.07 -2.28
S DMS H . 2.19 -5.18 -18.73
O DMS H . 1.85 -6.20 -17.74
C1 DMS H . 0.65 -4.63 -19.51
C2 DMS H . 2.88 -6.07 -20.16
S DMS I . -4.65 -13.08 11.36
O DMS I . -5.60 -11.98 11.53
C1 DMS I . -3.49 -12.59 10.06
C2 DMS I . -3.49 -13.00 12.76
S DMS J . 1.30 -0.75 16.04
O DMS J . 0.16 -0.74 15.13
C1 DMS J . 2.43 -2.00 15.35
C2 DMS J . 2.31 0.71 15.70
S DMS K . -11.62 -9.39 -11.31
O DMS K . -10.70 -8.29 -11.61
C1 DMS K . -12.48 -9.77 -12.86
C2 DMS K . -10.61 -10.90 -11.19
S DMS L . 6.75 16.12 4.19
O DMS L . 5.64 15.77 3.31
C1 DMS L . 8.24 15.32 3.52
C2 DMS L . 7.19 17.86 3.86
S DMS M . 3.93 4.46 -22.51
O DMS M . 3.76 3.48 -21.43
C1 DMS M . 2.72 5.77 -22.22
C2 DMS M . 5.44 5.41 -22.15
S DMS N . -1.84 22.85 -7.11
O DMS N . -2.90 21.83 -6.96
C1 DMS N . -0.61 22.51 -5.82
C2 DMS N . -0.86 22.39 -8.56
S DMS O . -19.90 -3.76 20.76
O DMS O . -20.17 -5.12 21.25
C1 DMS O . -21.00 -3.51 19.32
C2 DMS O . -20.73 -2.63 21.91
S DMS P . 16.11 -1.90 -20.51
O DMS P . 17.04 -0.99 -21.19
C1 DMS P . 14.72 -2.17 -21.64
C2 DMS P . 16.82 -3.57 -20.60
S DMS Q . -13.62 19.13 -3.37
O DMS Q . -12.77 18.55 -4.40
C1 DMS Q . -13.01 20.82 -3.11
C2 DMS Q . -15.19 19.52 -4.20
S DMS R . 21.82 -17.80 -0.04
O DMS R . 21.08 -17.82 -1.31
C1 DMS R . 21.49 -19.39 0.77
C2 DMS R . 23.56 -18.08 -0.45
#